data_6A83
#
_entry.id   6A83
#
_cell.length_a   103.568
_cell.length_b   103.568
_cell.length_c   122.294
_cell.angle_alpha   90.00
_cell.angle_beta   90.00
_cell.angle_gamma   120.00
#
_symmetry.space_group_name_H-M   'P 32 2 1'
#
loop_
_entity.id
_entity.type
_entity.pdbx_description
1 polymer 'Phosphoethanolamine transferase EptC'
2 non-polymer 'ZINC ION'
3 non-polymer 'SODIUM ION'
4 water water
#
_entity_poly.entity_id   1
_entity_poly.type   'polypeptide(L)'
_entity_poly.pdbx_seq_one_letter_code
;MGSSHHHHHHSSGLVPRGSHMYRQQLNSLTKLLNENNALPPLANFKDESGNEPRTLVLVIGESTQRGRMSLYGYPRETTP
ELDALHKTDPNLTVFNNVVTSRPYTIEILQQALTFANEKNPDLYLTQPSLMNMMKQAGYKTFWITNQQTMTARNTMLTVF
SRQTDKQYYMNQQRTQSAREYDTNVLKPFQEVLNDPAPKKLIIVHLLGTHIKYKYRYPENQGKFDGNTDHVPPGLNAEEL
ESYNDYDNANLYNDHVVASLIKDFKAANPNGFLVYFSDHGEEVYDTPPHKTQGRNEDNPTRHMYTIPFLLWTSEKWQATH
PRDFSQDVDRKYSLAELIHTWSDLAGLSYDGYDPTRSVVNPQFKETTRWIGNPYKKNALIDYDTLPYGDQVGNQ
;
_entity_poly.pdbx_strand_id   A
#
loop_
_chem_comp.id
_chem_comp.type
_chem_comp.name
_chem_comp.formula
NA non-polymer 'SODIUM ION' 'Na 1'
ZN non-polymer 'ZINC ION' 'Zn 2'
#
# COMPACT_ATOMS: atom_id res chain seq x y z
N ALA A 38 -16.72 -21.72 -1.07
CA ALA A 38 -17.52 -21.30 0.07
C ALA A 38 -18.39 -20.10 -0.30
N LEU A 39 -17.84 -19.20 -1.13
CA LEU A 39 -18.56 -18.01 -1.55
C LEU A 39 -18.94 -18.09 -3.02
N PRO A 40 -20.11 -17.57 -3.39
CA PRO A 40 -20.52 -17.58 -4.79
C PRO A 40 -19.77 -16.53 -5.59
N PRO A 41 -19.50 -16.80 -6.87
CA PRO A 41 -18.80 -15.80 -7.70
C PRO A 41 -19.63 -14.54 -7.87
N LEU A 42 -18.95 -13.50 -8.35
CA LEU A 42 -19.59 -12.22 -8.58
C LEU A 42 -20.55 -12.30 -9.78
N ALA A 43 -21.75 -11.74 -9.61
CA ALA A 43 -22.78 -11.83 -10.62
C ALA A 43 -22.56 -10.82 -11.74
N ASN A 44 -22.94 -11.23 -12.96
CA ASN A 44 -22.84 -10.39 -14.16
C ASN A 44 -21.40 -9.92 -14.38
N PHE A 45 -20.49 -10.89 -14.39
CA PHE A 45 -19.06 -10.61 -14.44
C PHE A 45 -18.61 -10.37 -15.88
N LYS A 46 -17.90 -9.26 -16.11
CA LYS A 46 -17.46 -8.87 -17.45
C LYS A 46 -16.02 -8.38 -17.40
N ASP A 47 -15.23 -8.82 -18.38
CA ASP A 47 -13.84 -8.39 -18.54
C ASP A 47 -13.73 -7.64 -19.86
N GLU A 48 -13.50 -6.33 -19.81
CA GLU A 48 -13.43 -5.47 -20.99
C GLU A 48 -12.00 -5.11 -21.38
N SER A 49 -10.99 -5.72 -20.77
CA SER A 49 -9.60 -5.40 -21.06
C SER A 49 -9.02 -6.23 -22.20
N GLY A 50 -9.84 -7.03 -22.86
CA GLY A 50 -9.36 -7.86 -23.94
C GLY A 50 -8.87 -9.21 -23.47
N ASN A 51 -8.09 -9.85 -24.32
CA ASN A 51 -7.59 -11.19 -24.03
C ASN A 51 -6.09 -11.32 -24.24
N GLU A 52 -5.38 -10.20 -24.32
CA GLU A 52 -3.94 -10.25 -24.48
C GLU A 52 -3.26 -10.55 -23.15
N PRO A 53 -2.07 -11.17 -23.17
CA PRO A 53 -1.37 -11.50 -21.92
C PRO A 53 -1.01 -10.24 -21.14
N ARG A 54 -1.15 -10.29 -19.82
CA ARG A 54 -0.84 -9.19 -18.97
C ARG A 54 -0.41 -9.61 -17.58
N THR A 55 0.34 -8.79 -16.90
CA THR A 55 0.81 -9.03 -15.55
C THR A 55 0.48 -7.81 -14.69
N LEU A 56 -0.32 -8.01 -13.65
CA LEU A 56 -0.72 -6.94 -12.74
C LEU A 56 -0.12 -7.17 -11.35
N VAL A 57 0.47 -6.13 -10.77
CA VAL A 57 1.20 -6.21 -9.53
C VAL A 57 0.55 -5.30 -8.49
N LEU A 58 0.38 -5.82 -7.28
CA LEU A 58 -0.16 -5.06 -6.16
C LEU A 58 0.84 -5.15 -4.99
N VAL A 59 1.50 -4.04 -4.69
CA VAL A 59 2.52 -3.98 -3.64
C VAL A 59 1.90 -3.39 -2.39
N ILE A 60 1.79 -4.21 -1.34
CA ILE A 60 1.19 -3.80 -0.08
C ILE A 60 2.31 -3.40 0.87
N GLY A 61 2.51 -2.09 1.03
CA GLY A 61 3.49 -1.58 1.95
C GLY A 61 3.02 -1.66 3.39
N GLU A 62 3.92 -1.29 4.30
CA GLU A 62 3.66 -1.44 5.75
C GLU A 62 4.14 -0.21 6.50
N SER A 63 3.23 0.42 7.24
CA SER A 63 3.53 1.47 8.22
C SER A 63 4.17 2.70 7.60
N THR A 64 4.12 2.87 6.29
CA THR A 64 4.81 3.97 5.63
C THR A 64 3.85 5.14 5.52
N GLN A 65 4.15 6.22 6.22
CA GLN A 65 3.29 7.38 6.16
C GLN A 65 3.69 8.28 5.00
N ARG A 66 2.77 9.15 4.60
CA ARG A 66 3.01 9.99 3.44
C ARG A 66 3.99 11.12 3.77
N GLY A 67 3.85 11.73 4.94
CA GLY A 67 4.56 12.94 5.30
C GLY A 67 6.03 12.82 5.61
N ARG A 68 6.59 11.64 5.40
CA ARG A 68 7.98 11.42 5.62
C ARG A 68 8.73 10.96 4.43
N MET A 69 8.16 11.21 3.28
CA MET A 69 8.76 10.84 2.03
C MET A 69 9.00 12.06 1.17
N SER A 70 10.21 12.29 0.72
CA SER A 70 10.50 13.44 -0.14
C SER A 70 9.63 13.46 -1.39
N LEU A 71 9.08 12.30 -1.79
CA LEU A 71 8.13 12.26 -2.89
C LEU A 71 6.89 13.10 -2.61
N TYR A 72 6.61 13.42 -1.35
CA TYR A 72 5.44 14.21 -0.98
C TYR A 72 5.79 15.50 -0.27
N GLY A 73 7.07 15.90 -0.26
CA GLY A 73 7.47 17.18 0.29
C GLY A 73 8.33 17.15 1.54
N TYR A 74 8.67 15.98 2.05
CA TYR A 74 9.51 15.91 3.25
C TYR A 74 10.91 16.42 2.90
N PRO A 75 11.43 17.41 3.63
CA PRO A 75 12.69 18.05 3.21
C PRO A 75 13.90 17.13 3.20
N ARG A 76 13.95 16.10 4.04
CA ARG A 76 15.00 15.11 3.92
C ARG A 76 14.76 14.23 2.69
N GLU A 77 15.84 13.86 2.01
CA GLU A 77 15.74 13.01 0.83
C GLU A 77 15.64 11.55 1.28
N THR A 78 14.40 11.16 1.63
CA THR A 78 14.13 9.81 2.08
C THR A 78 13.72 8.86 0.95
N THR A 79 13.21 9.39 -0.17
CA THR A 79 12.78 8.55 -1.29
C THR A 79 13.40 9.02 -2.59
N PRO A 80 14.74 9.01 -2.68
CA PRO A 80 15.37 9.57 -3.89
C PRO A 80 15.05 8.79 -5.15
N GLU A 81 14.99 7.46 -5.08
CA GLU A 81 14.76 6.68 -6.29
C GLU A 81 13.34 6.84 -6.81
N LEU A 82 12.36 7.02 -5.90
CA LEU A 82 11.00 7.30 -6.36
C LEU A 82 10.88 8.73 -6.88
N ASP A 83 11.64 9.67 -6.32
CA ASP A 83 11.64 11.04 -6.81
C ASP A 83 12.11 11.09 -8.26
N ALA A 84 13.30 10.53 -8.52
CA ALA A 84 13.85 10.51 -9.88
C ALA A 84 12.93 9.77 -10.84
N LEU A 85 12.32 8.68 -10.37
CA LEU A 85 11.37 7.96 -11.20
C LEU A 85 10.14 8.83 -11.51
N HIS A 86 9.74 9.69 -10.58
CA HIS A 86 8.61 10.57 -10.84
C HIS A 86 8.97 11.67 -11.83
N LYS A 87 10.23 12.09 -11.83
CA LYS A 87 10.69 13.13 -12.74
C LYS A 87 10.83 12.61 -14.17
N THR A 88 11.41 11.42 -14.34
CA THR A 88 11.76 10.93 -15.66
C THR A 88 10.71 10.02 -16.29
N ASP A 89 9.73 9.54 -15.52
CA ASP A 89 8.75 8.60 -16.07
C ASP A 89 7.38 9.23 -16.07
N PRO A 90 6.75 9.42 -17.24
CA PRO A 90 5.42 10.04 -17.28
C PRO A 90 4.29 9.09 -16.93
N ASN A 91 4.59 7.80 -16.76
CA ASN A 91 3.57 6.81 -16.44
C ASN A 91 3.47 6.51 -14.95
N LEU A 92 4.38 7.05 -14.14
CA LEU A 92 4.24 7.00 -12.69
C LEU A 92 3.29 8.09 -12.25
N THR A 93 2.16 7.71 -11.64
CA THR A 93 1.12 8.61 -11.17
C THR A 93 1.12 8.62 -9.64
N VAL A 94 1.45 9.77 -9.05
CA VAL A 94 1.53 9.91 -7.60
C VAL A 94 0.23 10.51 -7.10
N PHE A 95 -0.44 9.81 -6.19
CA PHE A 95 -1.69 10.28 -5.58
C PHE A 95 -1.39 10.91 -4.23
N ASN A 96 -1.93 12.11 -4.02
CA ASN A 96 -1.49 13.00 -2.94
C ASN A 96 -2.47 13.11 -1.78
N ASN A 97 -3.67 12.54 -1.90
CA ASN A 97 -4.73 12.72 -0.90
C ASN A 97 -5.41 11.40 -0.56
N VAL A 98 -4.64 10.32 -0.47
CA VAL A 98 -5.18 9.02 -0.11
C VAL A 98 -4.84 8.74 1.35
N VAL A 99 -5.83 8.32 2.13
CA VAL A 99 -5.64 7.92 3.52
C VAL A 99 -6.27 6.55 3.74
N THR A 100 -5.75 5.85 4.75
CA THR A 100 -6.30 4.56 5.14
C THR A 100 -7.51 4.76 6.04
N SER A 101 -8.16 3.66 6.43
CA SER A 101 -9.29 3.73 7.35
C SER A 101 -8.98 3.21 8.75
N ARG A 102 -8.01 2.32 8.91
CA ARG A 102 -7.64 1.79 10.21
C ARG A 102 -6.13 1.69 10.29
N PRO A 103 -5.54 1.94 11.48
CA PRO A 103 -4.08 1.97 11.59
C PRO A 103 -3.45 0.65 12.02
N TYR A 104 -4.19 -0.46 11.91
CA TYR A 104 -3.67 -1.76 12.29
C TYR A 104 -3.70 -2.70 11.10
N THR A 105 -2.60 -3.45 10.92
CA THR A 105 -2.37 -4.21 9.69
C THR A 105 -3.56 -5.05 9.27
N ILE A 106 -3.96 -5.99 10.13
CA ILE A 106 -4.97 -6.96 9.71
C ILE A 106 -6.35 -6.31 9.64
N GLU A 107 -6.59 -5.27 10.44
CA GLU A 107 -7.90 -4.64 10.41
C GLU A 107 -8.14 -3.78 9.16
N ILE A 108 -7.08 -3.22 8.58
CA ILE A 108 -7.26 -2.46 7.35
C ILE A 108 -7.31 -3.38 6.14
N LEU A 109 -6.44 -4.40 6.10
CA LEU A 109 -6.43 -5.31 4.96
C LEU A 109 -7.74 -6.06 4.80
N GLN A 110 -8.51 -6.24 5.88
CA GLN A 110 -9.85 -6.81 5.75
C GLN A 110 -10.77 -5.91 4.95
N GLN A 111 -10.52 -4.60 4.94
CA GLN A 111 -11.29 -3.66 4.14
C GLN A 111 -10.67 -3.37 2.79
N ALA A 112 -9.34 -3.22 2.74
CA ALA A 112 -8.69 -2.82 1.50
C ALA A 112 -8.79 -3.92 0.43
N LEU A 113 -8.67 -5.18 0.83
CA LEU A 113 -8.66 -6.28 -0.12
C LEU A 113 -10.04 -6.85 -0.40
N THR A 114 -11.09 -6.33 0.24
CA THR A 114 -12.44 -6.83 0.00
C THR A 114 -13.41 -5.68 -0.20
N PHE A 115 -14.70 -6.00 -0.23
CA PHE A 115 -15.74 -4.99 -0.35
C PHE A 115 -16.09 -4.34 0.98
N ALA A 116 -15.53 -4.82 2.09
CA ALA A 116 -15.81 -4.23 3.39
C ALA A 116 -15.23 -2.82 3.48
N ASN A 117 -15.88 -1.98 4.28
CA ASN A 117 -15.42 -0.63 4.58
C ASN A 117 -15.85 -0.30 6.01
N GLU A 118 -15.67 0.97 6.39
CA GLU A 118 -15.98 1.39 7.76
C GLU A 118 -17.46 1.24 8.10
N LYS A 119 -18.35 1.40 7.11
CA LYS A 119 -19.77 1.27 7.39
C LYS A 119 -20.24 -0.19 7.39
N ASN A 120 -19.52 -1.06 6.69
CA ASN A 120 -19.85 -2.50 6.64
C ASN A 120 -18.57 -3.29 6.79
N PRO A 121 -18.07 -3.44 8.03
CA PRO A 121 -16.75 -4.05 8.23
C PRO A 121 -16.71 -5.56 8.06
N ASP A 122 -17.86 -6.25 8.07
CA ASP A 122 -17.88 -7.70 8.07
C ASP A 122 -18.10 -8.30 6.68
N LEU A 123 -17.97 -7.51 5.61
CA LEU A 123 -18.15 -8.02 4.26
C LEU A 123 -16.98 -8.88 3.78
N TYR A 124 -15.89 -8.95 4.55
CA TYR A 124 -14.82 -9.88 4.21
C TYR A 124 -15.19 -11.33 4.49
N LEU A 125 -16.33 -11.57 5.15
CA LEU A 125 -16.82 -12.92 5.40
C LEU A 125 -17.95 -13.34 4.47
N THR A 126 -18.71 -12.40 3.90
CA THR A 126 -19.88 -12.73 3.10
C THR A 126 -19.78 -12.31 1.65
N GLN A 127 -18.70 -11.64 1.24
CA GLN A 127 -18.47 -11.24 -0.14
C GLN A 127 -17.06 -11.62 -0.55
N PRO A 128 -16.82 -11.82 -1.84
CA PRO A 128 -15.48 -12.24 -2.29
C PRO A 128 -14.44 -11.17 -2.08
N SER A 129 -13.19 -11.58 -2.24
CA SER A 129 -12.05 -10.70 -2.03
C SER A 129 -11.41 -10.33 -3.37
N LEU A 130 -10.45 -9.41 -3.30
CA LEU A 130 -9.76 -8.98 -4.52
C LEU A 130 -9.03 -10.15 -5.17
N MET A 131 -8.57 -11.12 -4.38
CA MET A 131 -7.91 -12.30 -4.93
C MET A 131 -8.91 -13.27 -5.55
N ASN A 132 -10.10 -13.40 -4.97
CA ASN A 132 -11.13 -14.22 -5.58
C ASN A 132 -11.56 -13.65 -6.92
N MET A 133 -11.67 -12.32 -6.99
CA MET A 133 -12.10 -11.67 -8.22
C MET A 133 -11.12 -11.92 -9.36
N MET A 134 -9.82 -11.93 -9.06
CA MET A 134 -8.83 -12.15 -10.11
C MET A 134 -8.85 -13.60 -10.59
N LYS A 135 -9.06 -14.56 -9.69
CA LYS A 135 -9.17 -15.94 -10.12
C LYS A 135 -10.41 -16.15 -10.99
N GLN A 136 -11.52 -15.51 -10.63
CA GLN A 136 -12.71 -15.55 -11.47
C GLN A 136 -12.46 -14.93 -12.83
N ALA A 137 -11.49 -14.01 -12.92
CA ALA A 137 -11.09 -13.40 -14.18
C ALA A 137 -10.06 -14.23 -14.93
N GLY A 138 -9.70 -15.40 -14.43
CA GLY A 138 -8.76 -16.27 -15.11
C GLY A 138 -7.30 -16.02 -14.85
N TYR A 139 -6.97 -15.28 -13.79
CA TYR A 139 -5.58 -14.98 -13.47
C TYR A 139 -4.98 -16.07 -12.61
N LYS A 140 -3.72 -16.41 -12.88
CA LYS A 140 -2.94 -17.19 -11.93
C LYS A 140 -2.34 -16.22 -10.92
N THR A 141 -2.72 -16.38 -9.65
CA THR A 141 -2.40 -15.41 -8.61
C THR A 141 -1.21 -15.87 -7.78
N PHE A 142 -0.38 -14.91 -7.38
CA PHE A 142 0.81 -15.17 -6.58
C PHE A 142 0.83 -14.26 -5.36
N TRP A 143 1.38 -14.77 -4.26
CA TRP A 143 1.51 -14.00 -3.03
C TRP A 143 2.95 -14.13 -2.53
N ILE A 144 3.69 -13.03 -2.55
CA ILE A 144 5.06 -12.95 -2.06
C ILE A 144 5.06 -12.04 -0.84
N THR A 145 5.80 -12.43 0.20
CA THR A 145 5.74 -11.69 1.45
C THR A 145 7.04 -11.83 2.23
N ASN A 146 7.40 -10.76 2.93
CA ASN A 146 8.52 -10.75 3.87
C ASN A 146 8.03 -10.55 5.31
N GLN A 147 6.73 -10.64 5.55
CA GLN A 147 6.20 -10.61 6.90
C GLN A 147 6.08 -12.02 7.43
N GLN A 148 6.44 -12.20 8.70
CA GLN A 148 6.36 -13.51 9.34
C GLN A 148 4.93 -14.04 9.33
N THR A 149 4.67 -15.06 8.52
CA THR A 149 3.35 -15.67 8.42
C THR A 149 3.37 -17.05 9.05
N MET A 150 2.46 -17.28 10.00
CA MET A 150 2.36 -18.56 10.70
C MET A 150 1.46 -19.48 9.87
N THR A 151 2.10 -20.26 9.01
CA THR A 151 1.36 -21.13 8.09
C THR A 151 0.64 -22.25 8.82
N ALA A 152 1.15 -22.67 9.97
CA ALA A 152 0.48 -23.68 10.79
C ALA A 152 -0.63 -23.11 11.64
N ARG A 153 -0.81 -21.79 11.64
CA ARG A 153 -1.82 -21.12 12.45
C ARG A 153 -2.86 -20.45 11.54
N ASN A 154 -4.02 -20.18 12.10
CA ASN A 154 -5.16 -19.66 11.34
C ASN A 154 -5.31 -18.15 11.56
N THR A 155 -4.25 -17.41 11.28
CA THR A 155 -4.37 -15.95 11.27
C THR A 155 -5.05 -15.51 9.98
N MET A 156 -5.63 -14.33 9.99
CA MET A 156 -6.35 -13.82 8.86
C MET A 156 -5.48 -13.44 7.68
N LEU A 157 -4.21 -13.15 7.92
CA LEU A 157 -3.34 -12.87 6.85
C LEU A 157 -3.04 -14.18 6.14
N THR A 158 -2.88 -15.26 6.88
CA THR A 158 -2.64 -16.56 6.25
C THR A 158 -3.80 -16.95 5.34
N VAL A 159 -5.04 -16.72 5.77
CA VAL A 159 -6.19 -17.08 4.96
C VAL A 159 -6.21 -16.27 3.67
N PHE A 160 -5.79 -14.99 3.73
CA PHE A 160 -5.70 -14.17 2.53
C PHE A 160 -4.61 -14.68 1.60
N SER A 161 -3.42 -14.97 2.15
CA SER A 161 -2.32 -15.47 1.33
C SER A 161 -2.60 -16.85 0.75
N ARG A 162 -3.49 -17.63 1.35
CA ARG A 162 -3.78 -18.93 0.78
C ARG A 162 -4.76 -18.87 -0.34
N GLN A 163 -5.49 -17.80 -0.43
CA GLN A 163 -6.44 -17.64 -1.52
C GLN A 163 -5.78 -17.49 -2.89
N THR A 164 -4.45 -17.44 -2.94
CA THR A 164 -3.74 -17.41 -4.21
C THR A 164 -3.34 -18.83 -4.63
N ASP A 165 -2.77 -18.95 -5.83
CA ASP A 165 -2.35 -20.25 -6.32
C ASP A 165 -0.98 -20.64 -5.81
N LYS A 166 -0.07 -19.67 -5.67
CA LYS A 166 1.32 -19.95 -5.32
C LYS A 166 1.80 -18.91 -4.31
N GLN A 167 2.43 -19.37 -3.23
CA GLN A 167 2.91 -18.49 -2.19
C GLN A 167 4.44 -18.59 -2.06
N TYR A 168 5.04 -17.46 -1.68
CA TYR A 168 6.49 -17.36 -1.45
C TYR A 168 6.68 -16.67 -0.10
N TYR A 169 6.81 -17.46 0.97
CA TYR A 169 7.08 -16.93 2.30
C TYR A 169 8.59 -16.79 2.48
N MET A 170 9.09 -15.58 2.53
CA MET A 170 10.50 -15.35 2.62
C MET A 170 11.04 -14.99 3.96
N ASN A 171 10.21 -14.89 4.96
CA ASN A 171 10.62 -14.52 6.31
C ASN A 171 10.04 -15.51 7.33
N GLN A 172 10.48 -16.75 7.25
CA GLN A 172 10.08 -17.74 8.21
C GLN A 172 11.18 -17.35 9.12
N GLN A 173 10.88 -17.16 10.39
CA GLN A 173 11.93 -16.71 11.28
C GLN A 173 11.58 -16.50 12.70
N ARG A 174 12.55 -16.69 13.57
CA ARG A 174 12.29 -16.52 14.98
C ARG A 174 11.52 -15.25 15.29
N THR A 175 12.17 -14.11 15.38
CA THR A 175 11.38 -12.98 15.72
C THR A 175 12.22 -11.75 15.81
N GLN A 176 11.54 -10.70 16.17
CA GLN A 176 12.12 -9.39 16.30
C GLN A 176 13.61 -9.42 16.41
N SER A 177 14.25 -8.54 15.66
CA SER A 177 15.72 -8.48 15.58
C SER A 177 16.28 -9.48 14.55
N ALA A 178 15.45 -10.34 13.96
CA ALA A 178 15.96 -11.41 13.10
C ALA A 178 16.79 -10.87 11.95
N ARG A 179 16.33 -9.74 11.37
CA ARG A 179 16.97 -9.05 10.24
C ARG A 179 16.75 -9.76 8.91
N GLU A 180 15.52 -9.72 8.41
CA GLU A 180 15.20 -10.14 7.05
C GLU A 180 14.68 -8.91 6.31
N TYR A 181 15.45 -8.43 5.34
CA TYR A 181 15.15 -7.17 4.67
C TYR A 181 14.24 -7.40 3.46
N ASP A 182 13.58 -6.31 3.04
CA ASP A 182 12.55 -6.41 2.01
C ASP A 182 13.10 -6.73 0.62
N THR A 183 14.42 -6.65 0.41
CA THR A 183 14.98 -7.14 -0.84
C THR A 183 14.90 -8.66 -0.99
N ASN A 184 14.42 -9.37 0.04
CA ASN A 184 14.15 -10.80 -0.09
C ASN A 184 13.13 -11.11 -1.17
N VAL A 185 12.28 -10.13 -1.52
CA VAL A 185 11.20 -10.39 -2.48
C VAL A 185 11.66 -10.29 -3.93
N LEU A 186 12.83 -9.69 -4.20
CA LEU A 186 13.21 -9.40 -5.58
C LEU A 186 13.50 -10.66 -6.37
N LYS A 187 14.25 -11.61 -5.80
CA LYS A 187 14.57 -12.83 -6.54
C LYS A 187 13.32 -13.65 -6.85
N PRO A 188 12.40 -13.89 -5.91
CA PRO A 188 11.15 -14.57 -6.30
C PRO A 188 10.25 -13.72 -7.18
N PHE A 189 10.25 -12.40 -7.02
CA PHE A 189 9.51 -11.54 -7.94
C PHE A 189 10.00 -11.74 -9.36
N GLN A 190 11.33 -11.79 -9.55
CA GLN A 190 11.87 -12.09 -10.86
C GLN A 190 11.47 -13.48 -11.33
N GLU A 191 11.28 -14.42 -10.39
CA GLU A 191 10.94 -15.77 -10.78
C GLU A 191 9.48 -15.86 -11.22
N VAL A 192 8.59 -15.14 -10.55
CA VAL A 192 7.19 -15.12 -10.95
C VAL A 192 7.01 -14.43 -12.30
N LEU A 193 7.83 -13.42 -12.59
CA LEU A 193 7.77 -12.80 -13.91
C LEU A 193 8.13 -13.78 -15.02
N ASN A 194 8.98 -14.78 -14.71
CA ASN A 194 9.36 -15.80 -15.69
C ASN A 194 8.31 -16.89 -15.86
N ASP A 195 7.27 -16.89 -15.03
CA ASP A 195 6.21 -17.88 -15.19
C ASP A 195 5.47 -17.61 -16.50
N PRO A 196 5.19 -18.65 -17.30
CA PRO A 196 4.61 -18.44 -18.62
C PRO A 196 3.08 -18.30 -18.64
N ALA A 197 2.44 -18.24 -17.48
CA ALA A 197 1.00 -18.03 -17.45
C ALA A 197 0.65 -16.70 -18.14
N PRO A 198 -0.38 -16.68 -19.00
CA PRO A 198 -0.66 -15.45 -19.74
C PRO A 198 -1.18 -14.32 -18.87
N LYS A 199 -2.05 -14.61 -17.91
CA LYS A 199 -2.65 -13.60 -17.05
C LYS A 199 -2.21 -13.85 -15.61
N LYS A 200 -1.43 -12.93 -15.06
CA LYS A 200 -0.83 -13.09 -13.74
C LYS A 200 -1.15 -11.90 -12.85
N LEU A 201 -1.49 -12.20 -11.59
CA LEU A 201 -1.64 -11.20 -10.53
C LEU A 201 -0.58 -11.46 -9.47
N ILE A 202 0.31 -10.50 -9.26
CA ILE A 202 1.38 -10.62 -8.28
C ILE A 202 1.09 -9.67 -7.12
N ILE A 203 1.02 -10.21 -5.91
CA ILE A 203 0.82 -9.44 -4.69
C ILE A 203 2.10 -9.53 -3.87
N VAL A 204 2.71 -8.39 -3.58
CA VAL A 204 3.95 -8.34 -2.81
C VAL A 204 3.67 -7.64 -1.50
N HIS A 205 3.80 -8.37 -0.40
CA HIS A 205 3.55 -7.84 0.94
C HIS A 205 4.91 -7.57 1.60
N LEU A 206 5.18 -6.30 1.89
CA LEU A 206 6.46 -5.90 2.44
C LEU A 206 6.36 -5.70 3.95
N LEU A 207 7.49 -5.93 4.63
CA LEU A 207 7.61 -5.44 6.00
C LEU A 207 7.71 -3.93 6.04
N GLY A 208 8.13 -3.31 4.93
CA GLY A 208 8.02 -1.88 4.78
C GLY A 208 8.86 -1.15 5.81
N THR A 209 8.21 -0.35 6.64
CA THR A 209 8.89 0.48 7.60
C THR A 209 8.34 0.23 9.02
N HIS A 210 7.93 -1.01 9.27
CA HIS A 210 7.33 -1.44 10.54
C HIS A 210 8.37 -1.43 11.66
N ILE A 211 7.88 -1.27 12.90
CA ILE A 211 8.74 -1.38 14.07
C ILE A 211 9.30 -2.80 14.16
N LYS A 212 10.53 -2.92 14.66
CA LYS A 212 11.37 -1.80 15.09
C LYS A 212 12.15 -1.26 13.89
N TYR A 213 12.18 0.07 13.73
CA TYR A 213 12.65 0.68 12.49
C TYR A 213 14.10 0.30 12.17
N LYS A 214 14.95 0.14 13.20
CA LYS A 214 16.36 -0.14 12.97
C LYS A 214 16.57 -1.49 12.28
N TYR A 215 15.65 -2.44 12.41
CA TYR A 215 15.82 -3.77 11.85
C TYR A 215 15.30 -3.90 10.42
N ARG A 216 14.87 -2.80 9.80
CA ARG A 216 14.37 -2.84 8.43
C ARG A 216 15.45 -2.58 7.40
N TYR A 217 16.63 -2.15 7.81
CA TYR A 217 17.73 -1.80 6.92
C TYR A 217 19.04 -2.26 7.52
N PRO A 218 20.04 -2.55 6.69
CA PRO A 218 21.35 -2.95 7.22
C PRO A 218 22.03 -1.83 7.99
N GLU A 219 23.00 -2.22 8.82
CA GLU A 219 23.56 -1.30 9.80
C GLU A 219 24.41 -0.21 9.15
N ASN A 220 25.07 -0.52 8.03
CA ASN A 220 25.95 0.44 7.37
C ASN A 220 25.22 1.34 6.39
N GLN A 221 23.89 1.32 6.38
CA GLN A 221 23.07 2.18 5.53
C GLN A 221 22.20 3.11 6.35
N GLY A 222 22.70 3.54 7.50
CA GLY A 222 22.01 4.52 8.31
C GLY A 222 22.43 5.94 7.95
N LYS A 223 21.91 6.44 6.83
CA LYS A 223 22.39 7.72 6.30
C LYS A 223 22.03 8.88 7.22
N PHE A 224 20.96 8.77 7.99
CA PHE A 224 20.50 9.84 8.86
C PHE A 224 20.90 9.62 10.32
N ASP A 225 21.84 8.71 10.57
CA ASP A 225 22.34 8.51 11.93
C ASP A 225 23.06 9.76 12.41
N GLY A 226 22.68 10.24 13.59
CA GLY A 226 23.29 11.42 14.17
C GLY A 226 22.93 12.73 13.51
N ASN A 227 22.01 12.73 12.55
CA ASN A 227 21.59 13.95 11.86
C ASN A 227 20.48 14.64 12.65
N THR A 228 20.55 15.97 12.71
CA THR A 228 19.61 16.76 13.50
C THR A 228 18.89 17.82 12.69
N ASP A 229 19.02 17.79 11.37
CA ASP A 229 18.35 18.76 10.51
C ASP A 229 16.93 18.31 10.22
N HIS A 230 16.01 19.27 10.22
CA HIS A 230 14.58 19.02 9.95
C HIS A 230 14.00 18.05 10.99
N VAL A 231 14.41 18.23 12.24
CA VAL A 231 13.93 17.42 13.35
C VAL A 231 13.07 18.33 14.23
N PRO A 232 11.90 17.88 14.69
CA PRO A 232 11.07 18.72 15.55
C PRO A 232 11.76 18.97 16.88
N PRO A 233 11.38 20.04 17.58
CA PRO A 233 12.09 20.40 18.82
C PRO A 233 11.65 19.54 20.00
N GLY A 234 12.59 19.37 20.94
CA GLY A 234 12.28 18.77 22.22
C GLY A 234 12.49 17.27 22.32
N LEU A 235 13.38 16.71 21.51
CA LEU A 235 13.62 15.28 21.49
C LEU A 235 14.88 14.94 22.27
N ASN A 236 14.79 13.89 23.08
CA ASN A 236 15.96 13.40 23.79
C ASN A 236 16.78 12.51 22.86
N ALA A 237 17.86 11.93 23.40
CA ALA A 237 18.71 11.09 22.57
C ALA A 237 17.99 9.83 22.13
N GLU A 238 17.04 9.34 22.93
CA GLU A 238 16.29 8.15 22.55
C GLU A 238 15.27 8.46 21.46
N GLU A 239 14.49 9.54 21.65
CA GLU A 239 13.52 9.92 20.63
C GLU A 239 14.19 10.37 19.34
N LEU A 240 15.40 10.90 19.43
CA LEU A 240 16.11 11.34 18.22
C LEU A 240 16.56 10.15 17.39
N GLU A 241 17.12 9.11 18.04
CA GLU A 241 17.57 7.94 17.30
C GLU A 241 16.40 7.18 16.69
N SER A 242 15.25 7.16 17.37
CA SER A 242 14.06 6.54 16.81
C SER A 242 13.57 7.32 15.59
N TYR A 243 13.58 8.65 15.66
CA TYR A 243 13.17 9.49 14.53
C TYR A 243 14.04 9.21 13.31
N ASN A 244 15.37 9.20 13.50
CA ASN A 244 16.26 9.00 12.37
C ASN A 244 16.17 7.58 11.82
N ASP A 245 15.92 6.58 12.68
CA ASP A 245 15.74 5.22 12.21
C ASP A 245 14.54 5.08 11.30
N TYR A 246 13.50 5.90 11.52
CA TYR A 246 12.31 5.84 10.68
C TYR A 246 12.60 6.40 9.30
N ASP A 247 13.44 7.43 9.20
CA ASP A 247 13.84 7.93 7.90
C ASP A 247 14.83 7.00 7.22
N ASN A 248 15.69 6.34 7.99
CA ASN A 248 16.56 5.31 7.40
C ASN A 248 15.73 4.17 6.84
N ALA A 249 14.65 3.81 7.53
CA ALA A 249 13.79 2.74 7.03
C ALA A 249 12.98 3.21 5.83
N ASN A 250 12.63 4.49 5.76
CA ASN A 250 11.98 5.03 4.56
C ASN A 250 12.92 4.99 3.37
N LEU A 251 14.20 5.30 3.60
CA LEU A 251 15.19 5.25 2.53
C LEU A 251 15.27 3.85 1.93
N TYR A 252 15.32 2.83 2.78
CA TYR A 252 15.43 1.46 2.29
C TYR A 252 14.13 1.03 1.61
N ASN A 253 12.98 1.45 2.16
CA ASN A 253 11.70 1.11 1.55
C ASN A 253 11.60 1.69 0.15
N ASP A 254 12.10 2.88 -0.06
CA ASP A 254 12.07 3.49 -1.35
C ASP A 254 12.89 2.65 -2.29
N HIS A 255 14.04 2.20 -1.85
CA HIS A 255 14.87 1.36 -2.71
C HIS A 255 14.13 0.11 -3.16
N VAL A 256 13.36 -0.50 -2.25
CA VAL A 256 12.68 -1.76 -2.55
C VAL A 256 11.52 -1.52 -3.53
N VAL A 257 10.72 -0.48 -3.28
CA VAL A 257 9.60 -0.17 -4.16
C VAL A 257 10.10 0.22 -5.54
N ALA A 258 11.12 1.07 -5.61
CA ALA A 258 11.66 1.46 -6.92
C ALA A 258 12.29 0.28 -7.64
N SER A 259 12.88 -0.66 -6.89
CA SER A 259 13.47 -1.83 -7.53
C SER A 259 12.40 -2.75 -8.10
N LEU A 260 11.26 -2.86 -7.41
CA LEU A 260 10.14 -3.64 -7.95
C LEU A 260 9.61 -2.99 -9.23
N ILE A 261 9.61 -1.66 -9.30
CA ILE A 261 9.18 -0.99 -10.51
C ILE A 261 10.22 -1.13 -11.61
N LYS A 262 11.50 -1.02 -11.26
CA LYS A 262 12.56 -1.12 -12.25
C LYS A 262 12.63 -2.53 -12.84
N ASP A 263 12.53 -3.56 -11.99
CA ASP A 263 12.58 -4.94 -12.49
C ASP A 263 11.35 -5.26 -13.33
N PHE A 264 10.17 -4.79 -12.91
CA PHE A 264 8.95 -4.96 -13.69
C PHE A 264 9.08 -4.29 -15.05
N LYS A 265 9.62 -3.07 -15.09
CA LYS A 265 9.82 -2.37 -16.34
C LYS A 265 10.83 -3.07 -17.24
N ALA A 266 11.85 -3.70 -16.64
CA ALA A 266 12.89 -4.35 -17.42
C ALA A 266 12.41 -5.63 -18.10
N ALA A 267 11.24 -6.15 -17.75
CA ALA A 267 10.66 -7.28 -18.45
C ALA A 267 9.79 -6.87 -19.63
N ASN A 268 9.72 -5.57 -19.95
CA ASN A 268 8.88 -5.02 -21.00
C ASN A 268 7.46 -5.62 -20.97
N PRO A 269 6.74 -5.46 -19.86
CA PRO A 269 5.48 -6.19 -19.69
C PRO A 269 4.28 -5.44 -20.24
N ASN A 270 3.12 -6.09 -20.14
CA ASN A 270 1.84 -5.46 -20.41
C ASN A 270 1.04 -5.48 -19.11
N GLY A 271 0.87 -4.33 -18.49
CA GLY A 271 0.16 -4.26 -17.24
C GLY A 271 0.57 -3.04 -16.45
N PHE A 272 0.22 -3.05 -15.17
CA PHE A 272 0.48 -1.92 -14.28
C PHE A 272 0.84 -2.43 -12.89
N LEU A 273 1.21 -1.49 -12.02
CA LEU A 273 1.66 -1.78 -10.66
C LEU A 273 1.12 -0.72 -9.71
N VAL A 274 0.53 -1.17 -8.61
CA VAL A 274 -0.02 -0.28 -7.59
C VAL A 274 0.72 -0.51 -6.28
N TYR A 275 1.23 0.57 -5.69
CA TYR A 275 1.86 0.52 -4.38
C TYR A 275 1.07 1.35 -3.40
N PHE A 276 0.81 0.79 -2.22
CA PHE A 276 0.16 1.52 -1.14
C PHE A 276 0.64 0.95 0.18
N SER A 277 0.69 1.81 1.19
CA SER A 277 0.93 1.37 2.55
C SER A 277 -0.41 1.13 3.24
N ASP A 278 -0.45 0.07 4.05
CA ASP A 278 -1.71 -0.27 4.72
C ASP A 278 -2.16 0.83 5.68
N HIS A 279 -1.23 1.57 6.25
CA HIS A 279 -1.50 2.67 7.16
C HIS A 279 -0.20 3.41 7.38
N GLY A 280 -0.26 4.52 8.11
CA GLY A 280 0.90 5.31 8.45
C GLY A 280 1.51 4.92 9.77
N GLU A 281 2.24 5.86 10.36
CA GLU A 281 2.92 5.67 11.63
C GLU A 281 3.33 7.02 12.21
N GLU A 282 2.84 7.33 13.40
CA GLU A 282 3.24 8.56 14.08
C GLU A 282 4.65 8.40 14.65
N VAL A 283 5.56 9.29 14.24
CA VAL A 283 6.92 9.28 14.77
C VAL A 283 7.33 10.68 15.20
N TYR A 284 6.70 11.19 16.26
CA TYR A 284 7.00 12.52 16.82
C TYR A 284 6.77 13.63 15.80
N ASP A 285 5.83 13.44 14.87
CA ASP A 285 5.57 14.46 13.86
C ASP A 285 4.62 15.54 14.38
N THR A 286 3.63 15.15 15.12
CA THR A 286 2.55 16.00 15.61
C THR A 286 2.95 16.66 16.92
N PRO A 287 2.71 17.96 17.10
CA PRO A 287 3.01 18.59 18.39
C PRO A 287 2.21 17.92 19.49
N PRO A 288 2.77 17.83 20.71
CA PRO A 288 4.06 18.40 21.15
C PRO A 288 5.28 17.53 20.88
N HIS A 289 5.18 16.63 19.89
CA HIS A 289 6.32 15.84 19.42
C HIS A 289 6.83 14.88 20.49
N LYS A 290 5.89 14.17 21.14
CA LYS A 290 6.22 13.17 22.14
C LYS A 290 5.57 11.81 21.89
N THR A 291 4.80 11.68 20.81
CA THR A 291 4.03 10.47 20.52
C THR A 291 4.72 9.64 19.44
N GLN A 292 4.68 8.34 19.59
CA GLN A 292 5.21 7.42 18.61
C GLN A 292 4.37 6.18 18.64
N GLY A 293 3.98 5.69 17.50
CA GLY A 293 3.15 4.50 17.42
C GLY A 293 1.83 4.72 16.70
N ARG A 294 0.88 3.82 16.95
CA ARG A 294 -0.43 3.85 16.30
C ARG A 294 -1.50 3.62 17.35
N ASN A 295 -2.53 4.44 17.34
CA ASN A 295 -3.61 4.35 18.34
C ASN A 295 -4.90 4.82 17.69
N GLU A 296 -5.84 3.90 17.47
CA GLU A 296 -7.10 4.25 16.82
C GLU A 296 -7.97 5.15 17.71
N ASP A 297 -7.83 5.04 19.04
CA ASP A 297 -8.62 5.82 19.98
C ASP A 297 -8.06 7.21 20.24
N ASN A 298 -6.87 7.52 19.69
CA ASN A 298 -6.24 8.83 19.89
C ASN A 298 -5.51 9.19 18.60
N PRO A 299 -6.24 9.44 17.52
CA PRO A 299 -5.63 9.48 16.18
C PRO A 299 -5.03 10.82 15.79
N THR A 300 -3.92 10.74 15.07
CA THR A 300 -3.31 11.86 14.38
C THR A 300 -3.20 11.53 12.89
N ARG A 301 -3.01 12.58 12.07
CA ARG A 301 -3.04 12.40 10.62
C ARG A 301 -1.91 11.51 10.13
N HIS A 302 -0.72 11.63 10.72
CA HIS A 302 0.42 10.86 10.25
C HIS A 302 0.26 9.36 10.43
N MET A 303 -0.83 8.93 11.02
CA MET A 303 -1.09 7.55 11.19
C MET A 303 -1.94 7.05 10.05
N TYR A 304 -2.57 7.94 9.33
CA TYR A 304 -3.51 7.61 8.27
C TYR A 304 -3.05 8.00 6.87
N THR A 305 -2.14 8.96 6.74
CA THR A 305 -1.66 9.33 5.42
C THR A 305 -0.75 8.24 4.87
N ILE A 306 -1.05 7.79 3.65
CA ILE A 306 -0.29 6.70 3.02
C ILE A 306 0.13 7.12 1.63
N PRO A 307 1.25 6.62 1.13
CA PRO A 307 1.55 6.78 -0.31
C PRO A 307 0.60 5.93 -1.14
N PHE A 308 0.36 6.40 -2.36
CA PHE A 308 -0.50 5.67 -3.30
C PHE A 308 0.04 5.95 -4.70
N LEU A 309 0.74 4.97 -5.27
CA LEU A 309 1.41 5.13 -6.56
C LEU A 309 0.83 4.15 -7.57
N LEU A 310 0.82 4.58 -8.83
CA LEU A 310 0.40 3.75 -9.95
C LEU A 310 1.42 3.90 -11.08
N TRP A 311 1.94 2.78 -11.58
CA TRP A 311 2.87 2.78 -12.70
C TRP A 311 2.29 1.92 -13.81
N THR A 312 2.07 2.51 -14.97
CA THR A 312 1.48 1.83 -16.11
C THR A 312 2.56 1.57 -17.16
N SER A 313 2.57 0.35 -17.70
CA SER A 313 3.58 0.02 -18.70
C SER A 313 3.25 0.69 -20.03
N GLU A 314 4.29 0.86 -20.85
CA GLU A 314 4.11 1.49 -22.14
C GLU A 314 3.12 0.72 -23.00
N LYS A 315 3.20 -0.62 -23.00
CA LYS A 315 2.26 -1.42 -23.79
C LYS A 315 0.83 -1.27 -23.29
N TRP A 316 0.65 -1.24 -21.96
CA TRP A 316 -0.71 -1.14 -21.43
C TRP A 316 -1.32 0.21 -21.72
N GLN A 317 -0.52 1.28 -21.61
CA GLN A 317 -1.03 2.61 -21.92
C GLN A 317 -1.39 2.75 -23.40
N ALA A 318 -0.67 2.07 -24.28
CA ALA A 318 -0.99 2.12 -25.71
C ALA A 318 -2.32 1.45 -26.00
N THR A 319 -2.61 0.34 -25.30
CA THR A 319 -3.82 -0.43 -25.53
C THR A 319 -5.01 0.06 -24.71
N HIS A 320 -4.77 0.73 -23.59
CA HIS A 320 -5.82 1.27 -22.75
C HIS A 320 -5.49 2.73 -22.42
N PRO A 321 -5.60 3.62 -23.40
CA PRO A 321 -5.24 5.02 -23.15
C PRO A 321 -6.12 5.61 -22.06
N ARG A 322 -5.48 6.30 -21.12
CA ARG A 322 -6.19 6.82 -19.97
C ARG A 322 -5.35 7.94 -19.36
N ASP A 323 -6.03 9.02 -18.98
CA ASP A 323 -5.38 10.19 -18.40
C ASP A 323 -5.65 10.21 -16.90
N PHE A 324 -4.58 10.23 -16.11
CA PHE A 324 -4.69 10.23 -14.65
C PHE A 324 -4.25 11.55 -14.02
N SER A 325 -3.83 12.53 -14.82
CA SER A 325 -3.25 13.75 -14.27
C SER A 325 -4.24 14.59 -13.49
N GLN A 326 -5.54 14.43 -13.76
CA GLN A 326 -6.58 15.20 -13.08
C GLN A 326 -7.12 14.50 -11.85
N ASP A 327 -6.70 13.25 -11.59
CA ASP A 327 -7.19 12.49 -10.46
C ASP A 327 -6.30 12.57 -9.23
N VAL A 328 -5.04 12.99 -9.40
CA VAL A 328 -4.03 12.82 -8.35
C VAL A 328 -4.38 13.54 -7.05
N ASP A 329 -5.29 14.50 -7.07
CA ASP A 329 -5.60 15.30 -5.90
C ASP A 329 -6.93 14.92 -5.26
N ARG A 330 -7.60 13.90 -5.77
CA ARG A 330 -8.88 13.48 -5.20
C ARG A 330 -8.70 12.91 -3.80
N LYS A 331 -9.63 13.24 -2.91
CA LYS A 331 -9.62 12.75 -1.53
C LYS A 331 -10.22 11.35 -1.50
N TYR A 332 -9.43 10.37 -1.06
CA TYR A 332 -9.75 8.98 -1.26
C TYR A 332 -9.36 8.15 -0.04
N SER A 333 -10.17 7.12 0.24
CA SER A 333 -9.94 6.19 1.33
C SER A 333 -9.49 4.84 0.78
N LEU A 334 -8.46 4.26 1.39
CA LEU A 334 -7.98 2.94 1.00
C LEU A 334 -9.05 1.87 1.15
N ALA A 335 -10.07 2.12 1.96
CA ALA A 335 -11.13 1.13 2.20
C ALA A 335 -11.87 0.72 0.93
N GLU A 336 -11.89 1.58 -0.09
CA GLU A 336 -12.57 1.32 -1.33
C GLU A 336 -11.62 0.87 -2.44
N LEU A 337 -10.44 0.35 -2.07
CA LEU A 337 -9.41 0.04 -3.05
C LEU A 337 -9.91 -0.92 -4.12
N ILE A 338 -10.80 -1.85 -3.77
CA ILE A 338 -11.19 -2.91 -4.69
C ILE A 338 -11.92 -2.34 -5.91
N HIS A 339 -12.59 -1.20 -5.76
CA HIS A 339 -13.27 -0.59 -6.90
C HIS A 339 -12.30 0.08 -7.84
N THR A 340 -11.28 0.75 -7.30
CA THR A 340 -10.23 1.30 -8.14
C THR A 340 -9.52 0.18 -8.90
N TRP A 341 -9.32 -0.97 -8.26
CA TRP A 341 -8.62 -2.06 -8.92
C TRP A 341 -9.47 -2.66 -10.03
N SER A 342 -10.76 -2.90 -9.76
CA SER A 342 -11.65 -3.43 -10.79
C SER A 342 -11.69 -2.51 -12.01
N ASP A 343 -11.78 -1.21 -11.76
CA ASP A 343 -11.74 -0.24 -12.85
C ASP A 343 -10.47 -0.40 -13.67
N LEU A 344 -9.31 -0.35 -13.02
CA LEU A 344 -8.05 -0.48 -13.75
C LEU A 344 -7.96 -1.82 -14.48
N ALA A 345 -8.40 -2.90 -13.82
CA ALA A 345 -8.38 -4.20 -14.47
C ALA A 345 -9.47 -4.34 -15.53
N GLY A 346 -10.39 -3.38 -15.62
CA GLY A 346 -11.47 -3.44 -16.57
C GLY A 346 -12.48 -4.52 -16.25
N LEU A 347 -12.95 -4.53 -15.01
CA LEU A 347 -13.91 -5.53 -14.54
C LEU A 347 -15.18 -4.84 -14.05
N SER A 348 -16.32 -5.47 -14.34
CA SER A 348 -17.62 -4.98 -13.91
C SER A 348 -18.43 -6.16 -13.44
N TYR A 349 -19.30 -5.91 -12.46
CA TYR A 349 -20.06 -6.98 -11.82
C TYR A 349 -21.11 -6.35 -10.93
N ASP A 350 -22.04 -7.18 -10.46
CA ASP A 350 -23.05 -6.74 -9.50
C ASP A 350 -22.37 -6.41 -8.18
N GLY A 351 -22.39 -5.14 -7.80
CA GLY A 351 -21.69 -4.65 -6.63
C GLY A 351 -20.55 -3.70 -6.95
N TYR A 352 -20.17 -3.61 -8.22
CA TYR A 352 -19.12 -2.68 -8.63
C TYR A 352 -19.65 -1.26 -8.57
N ASP A 353 -18.95 -0.39 -7.85
CA ASP A 353 -19.36 0.99 -7.65
C ASP A 353 -18.29 1.91 -8.24
N PRO A 354 -18.44 2.33 -9.50
CA PRO A 354 -17.42 3.20 -10.12
C PRO A 354 -17.32 4.58 -9.50
N THR A 355 -18.30 5.01 -8.69
CA THR A 355 -18.18 6.31 -8.04
C THR A 355 -17.16 6.28 -6.91
N ARG A 356 -16.78 5.10 -6.43
CA ARG A 356 -15.78 4.96 -5.39
C ARG A 356 -14.44 4.50 -5.97
N SER A 357 -14.24 4.68 -7.27
CA SER A 357 -12.97 4.43 -7.93
C SER A 357 -12.26 5.76 -8.14
N VAL A 358 -11.04 5.87 -7.60
CA VAL A 358 -10.30 7.12 -7.65
C VAL A 358 -9.82 7.49 -9.05
N VAL A 359 -9.89 6.58 -10.03
CA VAL A 359 -9.46 6.87 -11.39
C VAL A 359 -10.63 6.97 -12.35
N ASN A 360 -11.84 6.85 -11.87
CA ASN A 360 -13.00 6.83 -12.73
C ASN A 360 -13.49 8.25 -13.02
N PRO A 361 -13.93 8.53 -14.24
CA PRO A 361 -14.57 9.84 -14.50
C PRO A 361 -15.76 10.13 -13.59
N GLN A 362 -16.51 9.10 -13.18
CA GLN A 362 -17.69 9.27 -12.35
C GLN A 362 -17.38 9.38 -10.85
N PHE A 363 -16.12 9.51 -10.47
CA PHE A 363 -15.76 9.54 -9.04
C PHE A 363 -16.54 10.62 -8.30
N LYS A 364 -17.07 10.26 -7.14
CA LYS A 364 -17.76 11.19 -6.25
C LYS A 364 -17.15 11.05 -4.86
N GLU A 365 -16.59 12.15 -4.35
CA GLU A 365 -15.99 12.12 -3.03
C GLU A 365 -17.05 11.78 -1.98
N THR A 366 -16.71 10.84 -1.10
CA THR A 366 -17.51 10.50 0.07
C THR A 366 -16.70 10.79 1.33
N THR A 367 -17.35 10.63 2.48
CA THR A 367 -16.66 10.90 3.74
C THR A 367 -15.61 9.81 4.00
N ARG A 368 -14.39 10.25 4.33
CA ARG A 368 -13.29 9.34 4.61
C ARG A 368 -13.34 9.01 6.10
N TRP A 369 -14.03 7.92 6.43
CA TRP A 369 -14.26 7.53 7.80
C TRP A 369 -13.03 6.91 8.43
N ILE A 370 -12.79 7.22 9.70
CA ILE A 370 -11.80 6.53 10.53
C ILE A 370 -12.47 6.15 11.84
N GLY A 371 -11.75 5.37 12.65
CA GLY A 371 -12.23 4.92 13.94
C GLY A 371 -12.66 3.47 13.92
N ASN A 372 -12.81 2.91 15.11
CA ASN A 372 -13.15 1.49 15.24
C ASN A 372 -14.58 1.25 14.74
N PRO A 373 -14.76 0.45 13.68
CA PRO A 373 -16.12 0.23 13.15
C PRO A 373 -16.96 -0.72 14.00
N TYR A 374 -16.40 -1.32 15.05
CA TYR A 374 -17.14 -2.26 15.88
C TYR A 374 -17.61 -1.65 17.19
N LYS A 375 -17.19 -0.43 17.51
CA LYS A 375 -17.70 0.28 18.67
C LYS A 375 -18.96 1.06 18.27
N LYS A 376 -19.66 1.58 19.28
CA LYS A 376 -20.95 2.22 19.06
C LYS A 376 -20.74 3.66 18.60
N ASN A 377 -20.98 3.91 17.31
CA ASN A 377 -20.96 5.26 16.73
C ASN A 377 -19.61 5.97 16.96
N ALA A 378 -18.53 5.24 16.69
CA ALA A 378 -17.18 5.76 16.89
C ALA A 378 -16.50 6.15 15.60
N LEU A 379 -17.26 6.41 14.53
CA LEU A 379 -16.72 6.80 13.24
C LEU A 379 -16.70 8.32 13.14
N ILE A 380 -15.56 8.87 12.73
CA ILE A 380 -15.42 10.31 12.55
C ILE A 380 -14.74 10.60 11.21
N ASP A 381 -15.00 11.80 10.69
CA ASP A 381 -14.41 12.25 9.44
C ASP A 381 -12.91 12.50 9.64
N TYR A 382 -12.11 11.94 8.74
CA TYR A 382 -10.67 12.16 8.80
C TYR A 382 -10.33 13.65 8.70
N ASP A 383 -11.13 14.43 7.98
CA ASP A 383 -10.80 15.83 7.74
C ASP A 383 -10.88 16.69 9.00
N THR A 384 -11.65 16.25 10.02
CA THR A 384 -11.75 17.02 11.25
C THR A 384 -10.47 16.98 12.09
N LEU A 385 -9.50 16.14 11.73
CA LEU A 385 -8.27 16.05 12.50
C LEU A 385 -7.44 17.34 12.34
N PRO A 386 -6.69 17.71 13.37
CA PRO A 386 -5.90 18.94 13.31
C PRO A 386 -4.58 18.74 12.56
N TYR A 387 -3.87 19.86 12.38
CA TYR A 387 -2.55 19.91 11.74
C TYR A 387 -2.59 19.42 10.28
N GLY A 388 -3.71 19.64 9.60
CA GLY A 388 -3.81 19.25 8.20
C GLY A 388 -2.98 20.11 7.25
N ASP A 389 -2.54 21.28 7.71
CA ASP A 389 -1.81 22.20 6.85
C ASP A 389 -0.33 21.84 6.70
N GLN A 390 0.21 21.02 7.61
CA GLN A 390 1.62 20.65 7.54
C GLN A 390 1.90 19.87 6.26
N VAL A 391 3.18 19.89 5.87
CA VAL A 391 3.59 19.32 4.59
C VAL A 391 3.44 17.81 4.65
N GLY A 392 2.59 17.26 3.77
CA GLY A 392 2.34 15.84 3.72
C GLY A 392 1.09 15.36 4.43
N ASN A 393 0.28 16.26 4.99
CA ASN A 393 -0.97 15.91 5.63
C ASN A 393 -2.15 16.26 4.74
N GLN A 394 -3.34 15.88 5.20
CA GLN A 394 -4.61 15.91 4.44
C GLN A 394 -4.62 14.81 3.39
ZN ZN B . 0.37 -2.58 9.11
NA NA C . -12.92 -2.88 0.87
#